data_7YDW
#
_entry.id   7YDW
#
_cell.length_a   37.783
_cell.length_b   62.922
_cell.length_c   69.085
_cell.angle_alpha   72.583
_cell.angle_beta   89.876
_cell.angle_gamma   89.976
#
_symmetry.space_group_name_H-M   'P 1'
#
loop_
_entity.id
_entity.type
_entity.pdbx_description
1 polymer 'MPN domain-containing protein'
2 polymer "DNA (5'-D(P*AP*AP*AP*AP*AP*AP*AP*AP*AP*A)-3')"
3 polymer "DNA (5'-D(P*TP*TP*TP*TP*TP*TP*TP*TP*TP*T)-3')"
4 water water
#
loop_
_entity_poly.entity_id
_entity_poly.type
_entity_poly.pdbx_seq_one_letter_code
_entity_poly.pdbx_strand_id
1 'polypeptide(L)'
;GSAAPESLSPGATAEEAPEEDEDDAEAEDPERGTGSGGRSGSLGGSGGGTAGPGMALGGALTRRAVTLRVLLKDELLEPG
EGVLSIYYLGRKFTGDLQLDGRIVWQETGQVFNSPSAWATHCKKLVNPAKKSGCGWASVKYKGQKLDKYKAAWLRRHQLH
M
;
A,B,C,D
2 'polydeoxyribonucleotide' (DA)(DA)(DA)(DA)(DA)(DA)(DA)(DA)(DA)(DA) E
3 'polydeoxyribonucleotide' (DT)(DT)(DT)(DT)(DT)(DT)(DT)(DT)(DT)(DT) F
#
# COMPACT_ATOMS: atom_id res chain seq x y z
N ARG A 64 3.48 5.06 10.85
CA ARG A 64 4.79 4.49 10.43
C ARG A 64 4.73 2.96 10.51
N ALA A 65 4.44 2.30 9.38
CA ALA A 65 4.20 0.84 9.26
C ALA A 65 5.48 0.06 9.58
N VAL A 66 5.34 -1.03 10.36
CA VAL A 66 6.46 -1.78 10.98
C VAL A 66 6.99 -2.81 9.97
N THR A 67 8.29 -2.75 9.68
CA THR A 67 9.01 -3.68 8.77
C THR A 67 10.09 -4.40 9.59
N LEU A 68 10.63 -5.49 9.03
CA LEU A 68 11.77 -6.23 9.64
C LEU A 68 12.97 -5.28 9.81
N ARG A 69 13.08 -4.26 8.95
CA ARG A 69 14.17 -3.24 8.98
C ARG A 69 14.06 -2.42 10.27
N VAL A 70 12.85 -1.93 10.60
CA VAL A 70 12.58 -1.14 11.83
C VAL A 70 12.96 -1.99 13.06
N LEU A 71 12.40 -3.20 13.17
CA LEU A 71 12.63 -4.14 14.30
C LEU A 71 14.14 -4.33 14.48
N LEU A 72 14.87 -4.60 13.41
CA LEU A 72 16.33 -4.82 13.44
C LEU A 72 17.02 -3.53 13.87
N LYS A 73 16.66 -2.41 13.23
CA LYS A 73 17.23 -1.05 13.48
C LYS A 73 16.99 -0.65 14.94
N ASP A 74 15.81 -0.98 15.48
CA ASP A 74 15.38 -0.63 16.87
C ASP A 74 15.61 -1.83 17.81
N GLU A 75 16.39 -2.83 17.37
CA GLU A 75 16.99 -3.91 18.19
C GLU A 75 15.92 -4.82 18.82
N LEU A 76 14.71 -4.89 18.24
CA LEU A 76 13.65 -5.87 18.61
C LEU A 76 14.05 -7.27 18.10
N LEU A 77 14.72 -7.32 16.94
CA LEU A 77 15.19 -8.56 16.26
C LEU A 77 16.70 -8.49 16.07
N GLU A 78 17.35 -9.67 16.02
CA GLU A 78 18.79 -9.86 15.75
C GLU A 78 18.92 -10.57 14.40
N PRO A 79 19.81 -10.12 13.47
CA PRO A 79 19.93 -10.76 12.18
C PRO A 79 20.67 -12.08 12.37
N GLY A 80 20.44 -13.06 11.50
CA GLY A 80 21.14 -14.36 11.60
C GLY A 80 20.74 -15.34 10.53
N GLU A 81 21.42 -16.49 10.52
CA GLU A 81 21.11 -17.66 9.66
C GLU A 81 20.11 -18.57 10.39
N GLY A 82 19.15 -19.13 9.64
CA GLY A 82 18.15 -20.10 10.13
C GLY A 82 17.46 -19.61 11.39
N VAL A 83 17.06 -18.33 11.42
CA VAL A 83 16.35 -17.69 12.57
C VAL A 83 14.87 -17.50 12.24
N LEU A 84 14.47 -17.62 10.97
CA LEU A 84 13.04 -17.49 10.54
C LEU A 84 12.54 -18.85 10.02
N SER A 85 11.31 -19.22 10.37
CA SER A 85 10.74 -20.56 10.10
C SER A 85 9.24 -20.47 9.79
N ILE A 86 8.78 -21.36 8.92
CA ILE A 86 7.35 -21.60 8.55
C ILE A 86 7.11 -23.12 8.58
N TYR A 87 6.00 -23.54 9.18
CA TYR A 87 5.49 -24.93 9.06
C TYR A 87 4.11 -24.90 8.40
N TYR A 88 4.01 -25.48 7.19
CA TYR A 88 2.73 -25.61 6.44
C TYR A 88 2.58 -27.05 5.90
N LEU A 89 1.54 -27.74 6.38
CA LEU A 89 1.11 -29.10 5.93
C LEU A 89 2.32 -30.03 5.76
N GLY A 90 3.24 -30.04 6.74
CA GLY A 90 4.34 -31.01 6.82
C GLY A 90 5.68 -30.47 6.29
N ARG A 91 5.65 -29.49 5.39
CA ARG A 91 6.90 -28.85 4.85
C ARG A 91 7.36 -27.81 5.89
N LYS A 92 8.61 -27.94 6.34
CA LYS A 92 9.35 -26.93 7.14
C LYS A 92 10.17 -26.07 6.18
N PHE A 93 9.96 -24.75 6.20
CA PHE A 93 10.78 -23.73 5.47
C PHE A 93 11.60 -22.90 6.48
N THR A 94 12.86 -22.61 6.15
CA THR A 94 13.80 -21.90 7.05
C THR A 94 14.40 -20.69 6.30
N GLY A 95 14.48 -19.55 6.99
CA GLY A 95 14.93 -18.27 6.41
C GLY A 95 16.14 -17.72 7.14
N ASP A 96 17.02 -17.04 6.41
CA ASP A 96 18.10 -16.20 6.98
C ASP A 96 17.59 -14.75 6.99
N LEU A 97 17.69 -14.07 8.14
CA LEU A 97 17.36 -12.64 8.25
C LEU A 97 18.65 -11.83 8.02
N GLN A 98 18.65 -10.99 6.98
CA GLN A 98 19.75 -10.05 6.64
C GLN A 98 19.50 -8.72 7.38
N LEU A 99 20.58 -7.97 7.62
CA LEU A 99 20.56 -6.67 8.35
C LEU A 99 19.60 -5.70 7.65
N ASP A 100 19.50 -5.77 6.32
CA ASP A 100 18.62 -4.89 5.51
C ASP A 100 17.15 -5.30 5.69
N GLY A 101 16.89 -6.39 6.43
CA GLY A 101 15.54 -6.86 6.76
C GLY A 101 14.95 -7.77 5.69
N ARG A 102 15.75 -8.15 4.68
CA ARG A 102 15.30 -9.05 3.59
C ARG A 102 15.53 -10.51 4.04
N ILE A 103 14.71 -11.43 3.53
CA ILE A 103 14.69 -12.88 3.94
C ILE A 103 15.30 -13.71 2.81
N VAL A 104 16.27 -14.57 3.14
CA VAL A 104 16.84 -15.58 2.21
C VAL A 104 16.24 -16.95 2.57
N TRP A 105 15.60 -17.62 1.61
CA TRP A 105 15.05 -18.98 1.79
C TRP A 105 16.20 -19.97 1.60
N GLN A 106 16.55 -20.71 2.67
CA GLN A 106 17.77 -21.57 2.72
C GLN A 106 17.76 -22.55 1.54
N GLU A 107 16.62 -23.19 1.25
CA GLU A 107 16.50 -24.27 0.23
C GLU A 107 16.99 -23.81 -1.14
N THR A 108 16.63 -22.61 -1.60
CA THR A 108 16.90 -22.12 -2.98
C THR A 108 17.82 -20.88 -3.01
N GLY A 109 17.98 -20.19 -1.89
CA GLY A 109 18.79 -18.97 -1.81
C GLY A 109 18.06 -17.75 -2.35
N GLN A 110 16.82 -17.94 -2.83
CA GLN A 110 15.95 -16.84 -3.34
C GLN A 110 15.68 -15.84 -2.22
N VAL A 111 15.69 -14.55 -2.53
CA VAL A 111 15.62 -13.43 -1.55
C VAL A 111 14.21 -12.83 -1.61
N PHE A 112 13.58 -12.63 -0.45
CA PHE A 112 12.23 -12.02 -0.31
C PHE A 112 12.33 -10.72 0.51
N ASN A 113 11.47 -9.75 0.14
CA ASN A 113 11.47 -8.36 0.69
C ASN A 113 10.62 -8.28 1.96
N SER A 114 9.70 -9.23 2.15
CA SER A 114 8.72 -9.21 3.26
C SER A 114 8.45 -10.64 3.77
N PRO A 115 8.14 -10.79 5.08
CA PRO A 115 7.58 -12.05 5.60
C PRO A 115 6.45 -12.61 4.73
N SER A 116 5.53 -11.74 4.30
CA SER A 116 4.33 -12.10 3.49
C SER A 116 4.77 -12.68 2.15
N ALA A 117 5.71 -12.04 1.46
CA ALA A 117 6.24 -12.50 0.14
C ALA A 117 6.78 -13.94 0.27
N TRP A 118 7.55 -14.21 1.32
CA TRP A 118 8.18 -15.53 1.58
C TRP A 118 7.11 -16.57 1.92
N ALA A 119 6.15 -16.20 2.77
CA ALA A 119 5.08 -17.09 3.30
C ALA A 119 4.12 -17.52 2.17
N THR A 120 3.68 -16.59 1.32
CA THR A 120 2.72 -16.87 0.23
C THR A 120 3.41 -17.75 -0.80
N HIS A 121 4.69 -17.50 -1.10
CA HIS A 121 5.50 -18.29 -2.07
C HIS A 121 5.63 -19.74 -1.59
N CYS A 122 6.17 -19.95 -0.38
CA CYS A 122 6.39 -21.29 0.23
C CYS A 122 5.07 -22.06 0.27
N LYS A 123 3.98 -21.45 0.74
CA LYS A 123 2.69 -22.16 0.98
C LYS A 123 2.03 -22.54 -0.35
N LYS A 124 2.01 -21.64 -1.33
CA LYS A 124 1.48 -21.92 -2.68
C LYS A 124 2.19 -23.16 -3.24
N LEU A 125 3.45 -23.42 -2.86
CA LEU A 125 4.19 -24.64 -3.29
C LEU A 125 3.49 -25.88 -2.73
N VAL A 126 2.95 -25.80 -1.50
CA VAL A 126 2.25 -26.92 -0.80
C VAL A 126 0.79 -26.99 -1.28
N ASN A 127 0.12 -25.85 -1.44
CA ASN A 127 -1.33 -25.75 -1.77
C ASN A 127 -1.57 -24.54 -2.68
N PRO A 128 -1.56 -24.70 -4.03
CA PRO A 128 -1.72 -23.57 -4.95
C PRO A 128 -3.02 -22.76 -4.81
N ALA A 129 -4.02 -23.27 -4.07
CA ALA A 129 -5.34 -22.63 -3.83
C ALA A 129 -5.28 -21.75 -2.57
N LYS A 130 -4.14 -21.73 -1.87
CA LYS A 130 -3.87 -20.82 -0.71
C LYS A 130 -3.39 -19.48 -1.26
N LYS A 131 -4.28 -18.47 -1.27
CA LYS A 131 -4.06 -17.14 -1.89
C LYS A 131 -3.12 -16.29 -1.03
N SER A 132 -3.28 -16.34 0.30
CA SER A 132 -2.48 -15.55 1.29
C SER A 132 -1.30 -16.40 1.80
N GLY A 135 1.48 -13.81 6.86
CA GLY A 135 2.90 -13.39 6.84
C GLY A 135 3.47 -13.28 8.24
N TRP A 136 2.92 -12.38 9.06
CA TRP A 136 3.41 -12.04 10.43
C TRP A 136 2.88 -13.04 11.47
N ALA A 137 1.92 -13.90 11.10
CA ALA A 137 1.36 -14.98 11.94
C ALA A 137 2.06 -16.31 11.63
N SER A 138 2.33 -16.56 10.34
CA SER A 138 2.96 -17.80 9.82
C SER A 138 4.46 -17.83 10.17
N VAL A 139 5.21 -16.80 9.81
CA VAL A 139 6.70 -16.75 9.96
C VAL A 139 7.02 -16.66 11.46
N LYS A 140 7.79 -17.61 12.00
CA LYS A 140 8.24 -17.58 13.41
C LYS A 140 9.69 -17.07 13.47
N TYR A 141 10.04 -16.39 14.57
CA TYR A 141 11.43 -15.95 14.88
C TYR A 141 11.85 -16.58 16.21
N LYS A 142 12.78 -17.53 16.13
CA LYS A 142 13.34 -18.29 17.29
C LYS A 142 12.18 -18.68 18.21
N GLY A 143 11.12 -19.28 17.66
CA GLY A 143 10.08 -20.00 18.40
C GLY A 143 8.77 -19.23 18.57
N GLN A 144 8.72 -17.93 18.29
CA GLN A 144 7.49 -17.11 18.47
C GLN A 144 7.15 -16.36 17.17
N LYS A 145 5.88 -16.02 16.99
CA LYS A 145 5.32 -15.40 15.75
C LYS A 145 5.80 -13.96 15.62
N LEU A 146 6.01 -13.48 14.39
CA LEU A 146 6.57 -12.12 14.15
C LEU A 146 5.60 -11.05 14.68
N ASP A 147 4.29 -11.29 14.61
CA ASP A 147 3.24 -10.35 15.09
C ASP A 147 3.51 -9.95 16.55
N LYS A 148 4.06 -10.85 17.36
CA LYS A 148 4.42 -10.60 18.79
C LYS A 148 5.52 -9.55 18.88
N TYR A 149 6.43 -9.51 17.90
CA TYR A 149 7.54 -8.53 17.79
C TYR A 149 7.00 -7.22 17.18
N LYS A 150 5.95 -7.29 16.34
CA LYS A 150 5.24 -6.10 15.84
C LYS A 150 4.56 -5.40 17.02
N ALA A 151 3.76 -6.17 17.78
CA ALA A 151 3.03 -5.74 19.01
C ALA A 151 4.02 -5.14 20.03
N ALA A 152 5.16 -5.78 20.24
CA ALA A 152 6.21 -5.33 21.19
C ALA A 152 6.73 -3.95 20.77
N TRP A 153 6.91 -3.71 19.47
CA TRP A 153 7.46 -2.44 18.94
C TRP A 153 6.45 -1.31 19.18
N LEU A 154 5.16 -1.54 18.92
CA LEU A 154 4.06 -0.54 19.06
C LEU A 154 3.96 -0.07 20.51
N ARG A 155 4.28 -0.93 21.48
CA ARG A 155 4.34 -0.59 22.93
C ARG A 155 5.63 0.18 23.24
N ARG A 156 6.77 -0.26 22.67
CA ARG A 156 8.10 0.37 22.88
C ARG A 156 8.15 1.73 22.16
N HIS A 157 7.26 1.97 21.19
CA HIS A 157 7.15 3.24 20.41
C HIS A 157 5.69 3.70 20.38
N ARG B 63 17.86 -11.03 -6.07
CA ARG B 63 17.09 -12.24 -6.48
C ARG B 63 17.58 -13.46 -5.67
N ARG B 64 18.89 -13.75 -5.68
CA ARG B 64 19.48 -14.97 -5.07
C ARG B 64 20.76 -14.63 -4.30
N ALA B 65 20.93 -15.34 -3.17
CA ALA B 65 22.02 -15.23 -2.18
C ALA B 65 22.50 -16.63 -1.79
N VAL B 66 23.77 -16.77 -1.37
CA VAL B 66 24.45 -18.08 -1.11
C VAL B 66 23.89 -18.71 0.18
N THR B 67 23.71 -20.04 0.18
CA THR B 67 23.47 -20.88 1.38
C THR B 67 24.21 -22.21 1.21
N LEU B 68 24.43 -22.96 2.28
CA LEU B 68 25.07 -24.30 2.19
C LEU B 68 24.29 -25.14 1.16
N ARG B 69 22.96 -25.01 1.16
CA ARG B 69 22.03 -25.80 0.30
C ARG B 69 22.22 -25.41 -1.17
N VAL B 70 22.36 -24.12 -1.48
CA VAL B 70 22.66 -23.63 -2.87
C VAL B 70 24.02 -24.18 -3.31
N LEU B 71 24.99 -24.26 -2.40
CA LEU B 71 26.34 -24.81 -2.70
C LEU B 71 26.22 -26.31 -3.01
N LEU B 72 25.32 -27.01 -2.31
CA LEU B 72 25.09 -28.46 -2.51
C LEU B 72 24.45 -28.70 -3.88
N LYS B 73 23.43 -27.90 -4.26
CA LYS B 73 22.70 -27.99 -5.56
C LYS B 73 23.67 -27.84 -6.74
N ASP B 74 24.58 -26.87 -6.67
CA ASP B 74 25.55 -26.51 -7.75
C ASP B 74 26.74 -27.49 -7.69
N GLU B 75 26.70 -28.44 -6.77
CA GLU B 75 27.72 -29.52 -6.59
C GLU B 75 29.08 -28.90 -6.23
N LEU B 76 29.10 -27.69 -5.68
CA LEU B 76 30.34 -27.01 -5.19
C LEU B 76 30.87 -27.75 -3.97
N LEU B 77 29.99 -28.34 -3.16
CA LEU B 77 30.31 -29.15 -1.96
C LEU B 77 29.72 -30.55 -2.14
N GLU B 78 30.36 -31.57 -1.57
CA GLU B 78 29.79 -32.94 -1.40
C GLU B 78 29.38 -33.10 0.06
N PRO B 79 28.25 -33.80 0.35
CA PRO B 79 27.91 -34.17 1.71
C PRO B 79 28.90 -35.23 2.25
N GLY B 80 28.90 -35.47 3.56
CA GLY B 80 29.76 -36.51 4.17
C GLY B 80 30.05 -36.25 5.64
N GLU B 81 30.64 -37.25 6.29
CA GLU B 81 31.10 -37.18 7.70
C GLU B 81 32.46 -36.47 7.76
N GLY B 82 32.69 -35.69 8.83
CA GLY B 82 34.00 -35.12 9.19
C GLY B 82 34.49 -34.06 8.21
N VAL B 83 33.69 -33.72 7.20
CA VAL B 83 34.15 -32.83 6.08
C VAL B 83 34.32 -31.40 6.63
N LEU B 84 33.48 -30.96 7.57
CA LEU B 84 33.53 -29.59 8.14
C LEU B 84 34.44 -29.59 9.38
N SER B 85 35.11 -28.47 9.64
CA SER B 85 36.06 -28.31 10.78
C SER B 85 36.16 -26.84 11.20
N ILE B 86 36.30 -26.59 12.50
CA ILE B 86 36.66 -25.26 13.05
C ILE B 86 37.89 -25.44 13.94
N TYR B 87 38.88 -24.56 13.77
CA TYR B 87 40.10 -24.50 14.63
C TYR B 87 40.11 -23.16 15.36
N TYR B 88 39.91 -23.19 16.68
CA TYR B 88 39.81 -21.98 17.55
C TYR B 88 40.64 -22.20 18.82
N LEU B 89 41.53 -21.25 19.12
CA LEU B 89 42.45 -21.23 20.29
C LEU B 89 42.98 -22.65 20.53
N GLY B 90 43.69 -23.20 19.53
CA GLY B 90 44.41 -24.49 19.62
C GLY B 90 43.46 -25.67 19.83
N ARG B 91 42.19 -25.55 19.46
CA ARG B 91 41.16 -26.60 19.66
C ARG B 91 40.44 -26.86 18.34
N LYS B 92 40.15 -28.14 18.05
CA LYS B 92 39.50 -28.61 16.80
C LYS B 92 38.12 -29.18 17.12
N PHE B 93 37.14 -28.82 16.30
CA PHE B 93 35.78 -29.43 16.24
C PHE B 93 35.54 -29.86 14.79
N THR B 94 34.87 -31.00 14.59
CA THR B 94 34.57 -31.55 13.24
C THR B 94 33.06 -31.79 13.13
N GLY B 95 32.52 -31.59 11.93
CA GLY B 95 31.08 -31.73 11.63
C GLY B 95 30.85 -32.50 10.35
N ASP B 96 29.69 -33.15 10.26
CA ASP B 96 29.19 -33.88 9.06
C ASP B 96 28.26 -32.93 8.29
N LEU B 97 28.40 -32.83 6.97
CA LEU B 97 27.49 -31.99 6.13
C LEU B 97 26.43 -32.90 5.49
N GLN B 98 25.16 -32.69 5.86
CA GLN B 98 24.00 -33.46 5.36
C GLN B 98 23.54 -32.90 4.01
N LEU B 99 22.76 -33.70 3.28
CA LEU B 99 22.20 -33.35 1.95
C LEU B 99 21.15 -32.24 2.10
N ASP B 100 20.57 -32.07 3.30
CA ASP B 100 19.57 -31.00 3.59
C ASP B 100 20.27 -29.72 4.09
N GLY B 101 21.60 -29.72 4.21
CA GLY B 101 22.42 -28.52 4.49
C GLY B 101 22.59 -28.24 5.97
N ARG B 102 22.09 -29.12 6.84
CA ARG B 102 22.24 -28.98 8.31
C ARG B 102 23.57 -29.65 8.71
N ILE B 103 24.16 -29.20 9.82
CA ILE B 103 25.50 -29.61 10.31
C ILE B 103 25.31 -30.45 11.58
N VAL B 104 26.00 -31.60 11.65
CA VAL B 104 26.00 -32.52 12.83
C VAL B 104 27.37 -32.38 13.51
N TRP B 105 27.42 -31.92 14.77
CA TRP B 105 28.66 -31.83 15.58
C TRP B 105 29.00 -33.23 16.11
N GLN B 106 30.12 -33.81 15.65
CA GLN B 106 30.52 -35.21 15.91
C GLN B 106 30.47 -35.53 17.41
N GLU B 107 30.94 -34.61 18.26
CA GLU B 107 31.14 -34.87 19.72
C GLU B 107 29.81 -35.29 20.36
N THR B 108 28.76 -34.48 20.22
CA THR B 108 27.46 -34.65 20.93
C THR B 108 26.36 -35.21 20.01
N GLY B 109 26.61 -35.26 18.70
CA GLY B 109 25.60 -35.64 17.68
C GLY B 109 24.53 -34.58 17.48
N GLN B 110 24.74 -33.38 18.05
CA GLN B 110 23.79 -32.23 17.97
C GLN B 110 23.78 -31.68 16.53
N VAL B 111 22.63 -31.14 16.11
CA VAL B 111 22.35 -30.67 14.71
C VAL B 111 22.12 -29.14 14.75
N PHE B 112 22.71 -28.41 13.79
CA PHE B 112 22.64 -26.93 13.65
C PHE B 112 22.10 -26.54 12.27
N ASN B 113 21.33 -25.45 12.20
CA ASN B 113 20.68 -24.93 10.96
C ASN B 113 21.68 -24.25 10.02
N SER B 114 22.87 -23.84 10.50
CA SER B 114 23.84 -23.02 9.73
C SER B 114 25.26 -23.15 10.30
N PRO B 115 26.31 -22.81 9.51
CA PRO B 115 27.67 -22.77 10.02
C PRO B 115 27.86 -21.75 11.15
N SER B 116 27.20 -20.59 11.05
CA SER B 116 27.09 -19.58 12.14
C SER B 116 26.69 -20.28 13.45
N ALA B 117 25.47 -20.81 13.52
CA ALA B 117 24.87 -21.42 14.73
C ALA B 117 25.87 -22.38 15.40
N TRP B 118 26.50 -23.23 14.59
CA TRP B 118 27.54 -24.22 15.01
C TRP B 118 28.80 -23.48 15.46
N ALA B 119 29.31 -22.55 14.66
CA ALA B 119 30.58 -21.82 14.92
C ALA B 119 30.53 -21.08 16.26
N THR B 120 29.43 -20.39 16.61
CA THR B 120 29.34 -19.59 17.86
C THR B 120 29.19 -20.55 19.05
N HIS B 121 28.44 -21.65 18.89
CA HIS B 121 28.25 -22.66 19.96
C HIS B 121 29.59 -23.29 20.35
N CYS B 122 30.42 -23.66 19.37
CA CYS B 122 31.71 -24.38 19.55
C CYS B 122 32.76 -23.43 20.14
N LYS B 123 32.83 -22.20 19.62
CA LYS B 123 33.76 -21.13 20.12
C LYS B 123 33.37 -20.68 21.53
N LYS B 124 32.08 -20.74 21.91
CA LYS B 124 31.60 -20.28 23.24
C LYS B 124 32.02 -21.28 24.33
N LEU B 125 32.32 -22.52 23.96
CA LEU B 125 32.76 -23.60 24.91
C LEU B 125 34.26 -23.45 25.24
N VAL B 126 35.04 -22.83 24.35
CA VAL B 126 36.51 -22.61 24.53
C VAL B 126 36.76 -21.21 25.07
N ASN B 127 35.76 -20.31 24.97
CA ASN B 127 35.87 -18.88 25.35
C ASN B 127 34.47 -18.31 25.56
N PRO B 128 33.99 -18.23 26.83
CA PRO B 128 32.59 -17.87 27.10
C PRO B 128 32.21 -16.41 26.76
N ALA B 129 33.21 -15.57 26.47
CA ALA B 129 33.03 -14.15 26.07
C ALA B 129 32.59 -14.07 24.60
N LYS B 130 33.21 -14.88 23.73
CA LYS B 130 33.06 -14.79 22.24
C LYS B 130 31.60 -14.42 21.92
N LYS B 131 31.43 -13.32 21.17
CA LYS B 131 30.10 -12.72 20.82
C LYS B 131 29.64 -13.26 19.45
N SER B 132 28.33 -13.39 19.27
CA SER B 132 27.66 -13.93 18.05
C SER B 132 28.10 -13.16 16.80
N GLY B 133 27.84 -13.77 15.64
CA GLY B 133 28.23 -13.26 14.31
C GLY B 133 28.25 -14.36 13.27
N CYS B 134 28.62 -13.99 12.03
CA CYS B 134 28.70 -14.90 10.86
C CYS B 134 29.86 -15.88 11.05
N GLY B 135 29.57 -17.18 11.00
CA GLY B 135 30.55 -18.25 11.23
C GLY B 135 31.16 -18.75 9.93
N TRP B 136 30.80 -18.18 8.78
CA TRP B 136 31.35 -18.67 7.49
C TRP B 136 32.87 -18.45 7.47
N ALA B 137 33.35 -17.35 8.05
CA ALA B 137 34.79 -16.94 8.03
C ALA B 137 35.65 -17.98 8.76
N SER B 138 35.10 -18.63 9.79
CA SER B 138 35.80 -19.54 10.75
C SER B 138 35.75 -21.01 10.28
N VAL B 139 34.79 -21.39 9.42
CA VAL B 139 34.50 -22.82 9.09
C VAL B 139 35.29 -23.23 7.84
N LYS B 140 35.85 -24.44 7.85
CA LYS B 140 36.58 -25.03 6.70
C LYS B 140 35.84 -26.27 6.19
N TYR B 141 35.66 -26.38 4.86
CA TYR B 141 35.22 -27.62 4.17
C TYR B 141 36.45 -28.31 3.55
N LYS B 142 36.89 -29.43 4.14
CA LYS B 142 38.07 -30.23 3.71
C LYS B 142 39.29 -29.31 3.57
N GLY B 143 39.56 -28.50 4.59
CA GLY B 143 40.80 -27.70 4.72
C GLY B 143 40.73 -26.34 4.06
N GLN B 144 39.65 -26.02 3.35
CA GLN B 144 39.48 -24.70 2.67
C GLN B 144 38.30 -23.94 3.29
N LYS B 145 38.41 -22.61 3.30
CA LYS B 145 37.42 -21.69 3.94
C LYS B 145 36.09 -21.78 3.17
N LEU B 146 34.97 -21.86 3.90
CA LEU B 146 33.59 -21.98 3.33
C LEU B 146 33.30 -20.72 2.51
N ASP B 147 33.86 -19.58 2.95
CA ASP B 147 33.74 -18.25 2.30
C ASP B 147 34.32 -18.29 0.88
N LYS B 148 35.24 -19.21 0.59
CA LYS B 148 35.84 -19.33 -0.77
C LYS B 148 34.80 -19.99 -1.71
N TYR B 149 34.05 -20.98 -1.20
CA TYR B 149 32.93 -21.63 -1.92
C TYR B 149 31.84 -20.60 -2.20
N LYS B 150 31.56 -19.69 -1.26
CA LYS B 150 30.61 -18.56 -1.45
C LYS B 150 31.08 -17.67 -2.61
N ALA B 151 32.34 -17.23 -2.59
CA ALA B 151 32.94 -16.35 -3.61
C ALA B 151 32.93 -17.03 -4.97
N ALA B 152 33.32 -18.31 -5.03
CA ALA B 152 33.35 -19.13 -6.26
C ALA B 152 31.95 -19.23 -6.87
N TRP B 153 30.90 -19.23 -6.05
CA TRP B 153 29.48 -19.32 -6.51
C TRP B 153 29.05 -17.98 -7.09
N LEU B 154 29.30 -16.89 -6.36
CA LEU B 154 28.93 -15.51 -6.77
C LEU B 154 29.57 -15.22 -8.14
N ARG B 155 30.85 -15.58 -8.32
CA ARG B 155 31.56 -15.46 -9.62
C ARG B 155 30.73 -16.16 -10.70
N ARG B 156 30.43 -17.45 -10.51
CA ARG B 156 29.70 -18.29 -11.50
C ARG B 156 28.35 -17.67 -11.87
N HIS B 157 27.72 -16.92 -10.95
CA HIS B 157 26.31 -16.46 -11.08
C HIS B 157 26.22 -14.97 -10.75
N GLN B 158 25.83 -14.16 -11.75
CA GLN B 158 25.61 -12.70 -11.64
C GLN B 158 25.55 -12.09 -13.06
N ARG E 64 -13.86 -9.54 -9.01
CA ARG E 64 -13.20 -8.22 -9.26
C ARG E 64 -14.23 -7.10 -9.09
N ALA E 65 -14.81 -6.97 -7.89
CA ALA E 65 -15.97 -6.10 -7.55
C ALA E 65 -15.76 -4.70 -8.16
N VAL E 66 -16.83 -4.12 -8.73
CA VAL E 66 -16.80 -2.86 -9.51
C VAL E 66 -16.95 -1.67 -8.55
N THR E 67 -16.01 -0.73 -8.61
CA THR E 67 -15.98 0.52 -7.79
C THR E 67 -15.98 1.71 -8.75
N LEU E 68 -16.35 2.90 -8.26
CA LEU E 68 -16.29 4.16 -9.06
C LEU E 68 -14.86 4.35 -9.59
N ARG E 69 -13.86 3.81 -8.88
CA ARG E 69 -12.42 3.93 -9.26
C ARG E 69 -12.15 3.14 -10.55
N VAL E 70 -12.60 1.89 -10.61
CA VAL E 70 -12.50 1.03 -11.84
C VAL E 70 -13.11 1.84 -13.01
N LEU E 71 -14.34 2.32 -12.84
CA LEU E 71 -15.11 3.01 -13.92
C LEU E 71 -14.31 4.21 -14.44
N LEU E 72 -13.84 5.08 -13.54
CA LEU E 72 -13.07 6.30 -13.91
C LEU E 72 -11.78 5.90 -14.61
N LYS E 73 -11.10 4.86 -14.12
CA LYS E 73 -9.85 4.32 -14.69
C LYS E 73 -10.11 3.75 -16.08
N ASP E 74 -11.17 2.95 -16.22
CA ASP E 74 -11.55 2.27 -17.49
C ASP E 74 -12.46 3.18 -18.33
N GLU E 75 -12.62 4.44 -17.90
CA GLU E 75 -13.14 5.61 -18.70
C GLU E 75 -14.63 5.43 -19.06
N LEU E 76 -15.38 4.61 -18.32
CA LEU E 76 -16.87 4.53 -18.42
C LEU E 76 -17.50 5.78 -17.79
N LEU E 77 -16.78 6.45 -16.88
CA LEU E 77 -17.19 7.70 -16.16
C LEU E 77 -16.09 8.75 -16.32
N GLU E 78 -16.47 10.03 -16.16
CA GLU E 78 -15.55 11.20 -16.09
C GLU E 78 -15.78 11.96 -14.79
N PRO E 79 -14.71 12.37 -14.06
CA PRO E 79 -14.86 13.00 -12.76
C PRO E 79 -15.29 14.46 -12.96
N GLY E 80 -15.98 15.05 -11.97
CA GLY E 80 -16.41 16.45 -12.08
C GLY E 80 -17.24 16.89 -10.90
N GLU E 81 -17.65 18.16 -10.91
CA GLU E 81 -18.51 18.79 -9.89
C GLU E 81 -19.98 18.58 -10.28
N GLY E 82 -20.83 18.32 -9.29
CA GLY E 82 -22.29 18.18 -9.46
C GLY E 82 -22.66 17.28 -10.62
N VAL E 83 -21.99 16.13 -10.75
CA VAL E 83 -22.28 15.09 -11.77
C VAL E 83 -22.98 13.87 -11.13
N LEU E 84 -23.05 13.79 -9.80
CA LEU E 84 -23.82 12.73 -9.08
C LEU E 84 -25.00 13.38 -8.36
N SER E 85 -26.18 12.74 -8.40
CA SER E 85 -27.43 13.25 -7.79
C SER E 85 -28.28 12.11 -7.26
N ILE E 86 -29.06 12.41 -6.22
CA ILE E 86 -30.06 11.53 -5.54
C ILE E 86 -31.34 12.35 -5.32
N TYR E 87 -32.49 11.80 -5.68
CA TYR E 87 -33.83 12.34 -5.34
C TYR E 87 -34.51 11.37 -4.38
N TYR E 88 -34.89 11.85 -3.19
CA TYR E 88 -35.64 11.07 -2.17
C TYR E 88 -36.67 11.99 -1.48
N LEU E 89 -37.92 11.54 -1.49
CA LEU E 89 -39.08 12.18 -0.79
C LEU E 89 -38.96 13.71 -0.84
N GLY E 90 -38.58 14.28 -1.99
CA GLY E 90 -38.57 15.73 -2.20
C GLY E 90 -37.20 16.38 -2.08
N ARG E 91 -36.26 15.81 -1.31
CA ARG E 91 -34.90 16.41 -1.11
C ARG E 91 -34.02 16.03 -2.32
N LYS E 92 -33.37 17.03 -2.93
CA LYS E 92 -32.33 16.85 -3.96
C LYS E 92 -30.95 16.91 -3.28
N PHE E 93 -30.14 15.87 -3.45
CA PHE E 93 -28.71 15.79 -3.03
C PHE E 93 -27.82 15.78 -4.28
N THR E 94 -26.75 16.58 -4.29
CA THR E 94 -25.80 16.73 -5.44
C THR E 94 -24.38 16.36 -4.97
N GLY E 95 -23.61 15.65 -5.81
CA GLY E 95 -22.29 15.12 -5.46
C GLY E 95 -21.24 15.39 -6.53
N ASP E 96 -20.04 15.79 -6.11
CA ASP E 96 -18.84 15.94 -6.99
C ASP E 96 -18.08 14.61 -6.98
N LEU E 97 -17.71 14.10 -8.15
CA LEU E 97 -16.90 12.87 -8.31
C LEU E 97 -15.43 13.26 -8.44
N GLN E 98 -14.59 12.79 -7.50
CA GLN E 98 -13.12 12.98 -7.49
C GLN E 98 -12.48 11.84 -8.30
N LEU E 99 -11.25 12.06 -8.78
CA LEU E 99 -10.47 11.10 -9.62
C LEU E 99 -10.23 9.79 -8.87
N ASP E 100 -10.24 9.82 -7.53
CA ASP E 100 -10.04 8.61 -6.67
C ASP E 100 -11.36 7.86 -6.49
N GLY E 101 -12.47 8.39 -7.02
CA GLY E 101 -13.80 7.74 -6.99
C GLY E 101 -14.57 8.05 -5.71
N ARG E 102 -14.01 8.84 -4.80
CA ARG E 102 -14.72 9.27 -3.56
C ARG E 102 -15.67 10.42 -3.92
N ILE E 103 -16.78 10.54 -3.20
CA ILE E 103 -17.90 11.47 -3.53
C ILE E 103 -17.89 12.62 -2.50
N VAL E 104 -18.00 13.85 -2.99
CA VAL E 104 -18.16 15.07 -2.13
C VAL E 104 -19.62 15.51 -2.19
N TRP E 105 -20.33 15.43 -1.06
CA TRP E 105 -21.69 15.99 -0.93
C TRP E 105 -21.56 17.51 -0.84
N GLN E 106 -22.06 18.22 -1.86
CA GLN E 106 -21.94 19.69 -2.03
C GLN E 106 -22.43 20.41 -0.77
N GLU E 107 -23.67 20.15 -0.34
CA GLU E 107 -24.33 20.84 0.80
C GLU E 107 -23.36 21.02 1.98
N THR E 108 -22.70 19.95 2.43
CA THR E 108 -21.86 19.92 3.66
C THR E 108 -20.36 19.76 3.36
N GLY E 109 -19.99 19.30 2.16
CA GLY E 109 -18.59 19.04 1.79
C GLY E 109 -18.05 17.76 2.42
N GLN E 110 -18.88 17.00 3.13
CA GLN E 110 -18.49 15.69 3.73
C GLN E 110 -18.16 14.71 2.61
N VAL E 111 -17.03 14.00 2.72
CA VAL E 111 -16.51 13.06 1.69
C VAL E 111 -17.04 11.66 2.02
N PHE E 112 -17.43 10.90 0.98
CA PHE E 112 -17.95 9.51 1.06
C PHE E 112 -17.13 8.60 0.14
N ASN E 113 -16.93 7.35 0.58
CA ASN E 113 -16.03 6.37 -0.06
C ASN E 113 -16.76 5.58 -1.15
N SER E 114 -18.09 5.46 -1.04
CA SER E 114 -18.94 4.63 -1.92
C SER E 114 -20.28 5.30 -2.17
N PRO E 115 -20.92 5.03 -3.34
CA PRO E 115 -22.28 5.49 -3.60
C PRO E 115 -23.24 5.15 -2.44
N SER E 116 -23.12 3.93 -1.90
CA SER E 116 -24.02 3.36 -0.87
C SER E 116 -23.87 4.12 0.45
N ALA E 117 -22.63 4.48 0.83
CA ALA E 117 -22.32 5.33 2.00
C ALA E 117 -23.06 6.69 1.88
N TRP E 118 -22.91 7.36 0.74
CA TRP E 118 -23.52 8.71 0.52
C TRP E 118 -25.05 8.60 0.53
N ALA E 119 -25.59 7.61 -0.19
CA ALA E 119 -27.05 7.41 -0.38
C ALA E 119 -27.75 7.10 0.95
N THR E 120 -27.13 6.28 1.81
CA THR E 120 -27.76 5.84 3.09
C THR E 120 -27.70 7.01 4.08
N HIS E 121 -26.64 7.82 4.04
CA HIS E 121 -26.49 9.03 4.88
C HIS E 121 -27.60 10.02 4.54
N CYS E 122 -27.77 10.32 3.25
CA CYS E 122 -28.75 11.32 2.73
C CYS E 122 -30.18 10.85 3.01
N LYS E 123 -30.49 9.58 2.76
CA LYS E 123 -31.88 9.05 2.87
C LYS E 123 -32.29 9.02 4.35
N LYS E 124 -31.39 8.60 5.24
CA LYS E 124 -31.59 8.61 6.71
C LYS E 124 -31.90 10.05 7.20
N LEU E 125 -31.36 11.09 6.57
CA LEU E 125 -31.69 12.50 6.94
C LEU E 125 -33.17 12.78 6.67
N VAL E 126 -33.73 12.21 5.61
CA VAL E 126 -35.15 12.43 5.17
C VAL E 126 -36.07 11.43 5.92
N ASN E 127 -35.68 10.16 6.01
CA ASN E 127 -36.45 9.07 6.70
C ASN E 127 -35.49 8.20 7.49
N PRO E 128 -35.32 8.43 8.81
CA PRO E 128 -34.35 7.67 9.61
C PRO E 128 -34.64 6.17 9.74
N ALA E 129 -35.87 5.75 9.43
CA ALA E 129 -36.32 4.34 9.43
C ALA E 129 -35.74 3.60 8.22
N LYS E 130 -35.35 4.33 7.17
CA LYS E 130 -34.72 3.78 5.94
C LYS E 130 -33.37 3.15 6.32
N LYS E 131 -33.27 1.81 6.19
CA LYS E 131 -32.07 1.01 6.55
C LYS E 131 -31.02 1.10 5.43
N SER E 132 -31.47 0.95 4.17
CA SER E 132 -30.62 1.07 2.95
C SER E 132 -31.32 1.97 1.92
N GLY E 133 -30.60 2.99 1.44
N GLY E 135 -27.76 1.98 -3.26
CA GLY E 135 -26.60 2.82 -3.61
C GLY E 135 -26.50 3.06 -5.11
N TRP E 136 -26.25 2.00 -5.89
CA TRP E 136 -25.98 2.05 -7.35
C TRP E 136 -27.28 2.28 -8.15
N ALA E 137 -28.45 2.15 -7.52
CA ALA E 137 -29.77 2.30 -8.17
C ALA E 137 -30.34 3.71 -7.91
N SER E 138 -30.00 4.30 -6.76
CA SER E 138 -30.47 5.64 -6.32
C SER E 138 -29.59 6.73 -6.96
N VAL E 139 -28.27 6.57 -6.91
CA VAL E 139 -27.31 7.61 -7.38
C VAL E 139 -27.33 7.65 -8.92
N LYS E 140 -27.61 8.81 -9.50
CA LYS E 140 -27.60 9.01 -10.97
C LYS E 140 -26.32 9.74 -11.37
N TYR E 141 -25.78 9.43 -12.56
CA TYR E 141 -24.66 10.13 -13.23
C TYR E 141 -25.18 10.68 -14.57
N LYS E 142 -25.21 12.01 -14.70
CA LYS E 142 -25.67 12.72 -15.92
C LYS E 142 -26.92 12.03 -16.48
N GLY E 143 -27.93 11.83 -15.64
CA GLY E 143 -29.29 11.43 -16.04
C GLY E 143 -29.56 9.93 -15.95
N GLN E 144 -28.52 9.10 -15.88
CA GLN E 144 -28.65 7.61 -15.86
C GLN E 144 -28.16 7.06 -14.50
N LYS E 145 -28.73 5.92 -14.06
CA LYS E 145 -28.35 5.21 -12.81
C LYS E 145 -26.94 4.62 -12.96
N LEU E 146 -26.18 4.54 -11.87
CA LEU E 146 -24.78 4.03 -11.91
C LEU E 146 -24.76 2.55 -12.29
N ASP E 147 -25.84 1.82 -11.99
CA ASP E 147 -26.00 0.37 -12.32
C ASP E 147 -25.78 0.14 -13.82
N LYS E 148 -26.32 1.01 -14.67
CA LYS E 148 -26.15 0.95 -16.15
C LYS E 148 -24.67 1.08 -16.50
N TYR E 149 -23.93 1.85 -15.70
CA TYR E 149 -22.46 2.05 -15.83
C TYR E 149 -21.70 0.86 -15.23
N LYS E 150 -22.26 0.21 -14.19
CA LYS E 150 -21.71 -1.07 -13.66
C LYS E 150 -21.89 -2.13 -14.74
N ALA E 151 -23.12 -2.35 -15.20
CA ALA E 151 -23.49 -3.23 -16.34
C ALA E 151 -22.52 -2.98 -17.51
N ALA E 152 -22.56 -1.79 -18.11
CA ALA E 152 -21.69 -1.41 -19.25
C ALA E 152 -20.28 -1.99 -19.05
N TRP E 153 -19.71 -1.88 -17.85
CA TRP E 153 -18.32 -2.33 -17.56
C TRP E 153 -18.22 -3.86 -17.60
N LEU E 154 -19.18 -4.57 -17.00
CA LEU E 154 -19.21 -6.06 -16.99
C LEU E 154 -19.23 -6.57 -18.44
N ARG E 155 -19.91 -5.87 -19.36
CA ARG E 155 -20.00 -6.21 -20.81
C ARG E 155 -18.65 -5.99 -21.50
N ARG E 156 -17.97 -4.88 -21.19
CA ARG E 156 -16.64 -4.54 -21.77
C ARG E 156 -15.55 -5.46 -21.19
N HIS E 157 -15.73 -5.93 -19.95
CA HIS E 157 -14.71 -6.73 -19.20
C HIS E 157 -15.34 -8.03 -18.69
N ARG F 63 -12.17 13.54 5.08
CA ARG F 63 -13.45 13.79 5.82
C ARG F 63 -14.28 14.87 5.12
N ARG F 64 -13.66 15.99 4.70
CA ARG F 64 -14.39 17.19 4.21
C ARG F 64 -13.58 17.93 3.14
N ALA F 65 -14.18 18.18 1.98
CA ALA F 65 -13.62 18.94 0.83
C ALA F 65 -14.42 20.23 0.61
N VAL F 66 -13.81 21.24 -0.02
CA VAL F 66 -14.40 22.60 -0.22
C VAL F 66 -15.42 22.56 -1.35
N THR F 67 -16.55 23.26 -1.18
CA THR F 67 -17.58 23.54 -2.23
C THR F 67 -18.05 25.00 -2.09
N LEU F 68 -18.75 25.56 -3.08
CA LEU F 68 -19.27 26.94 -2.93
C LEU F 68 -20.12 27.00 -1.66
N ARG F 69 -20.86 25.92 -1.36
CA ARG F 69 -21.83 25.86 -0.23
C ARG F 69 -21.08 25.85 1.10
N VAL F 70 -19.94 25.15 1.16
CA VAL F 70 -19.05 25.17 2.37
C VAL F 70 -18.51 26.59 2.54
N LEU F 71 -18.27 27.33 1.45
CA LEU F 71 -17.68 28.70 1.50
C LEU F 71 -18.75 29.69 1.95
N LEU F 72 -20.03 29.40 1.67
CA LEU F 72 -21.19 30.25 2.05
C LEU F 72 -21.52 30.07 3.54
N LYS F 73 -21.49 28.84 4.04
CA LYS F 73 -21.75 28.49 5.48
C LYS F 73 -20.67 29.07 6.39
N ASP F 74 -19.40 29.12 5.95
CA ASP F 74 -18.27 29.67 6.74
C ASP F 74 -18.22 31.19 6.55
N GLU F 75 -19.17 31.74 5.79
CA GLU F 75 -19.32 33.20 5.50
C GLU F 75 -18.02 33.75 4.88
N LEU F 76 -17.24 32.89 4.21
CA LEU F 76 -16.06 33.30 3.42
C LEU F 76 -16.52 34.05 2.15
N LEU F 77 -17.70 33.69 1.63
CA LEU F 77 -18.32 34.29 0.42
C LEU F 77 -19.70 34.81 0.78
N GLU F 78 -20.19 35.84 0.07
CA GLU F 78 -21.56 36.38 0.21
C GLU F 78 -22.29 36.24 -1.12
N PRO F 79 -23.57 35.79 -1.13
CA PRO F 79 -24.34 35.68 -2.37
C PRO F 79 -24.73 37.07 -2.90
N GLY F 80 -25.11 37.16 -4.19
CA GLY F 80 -25.57 38.42 -4.80
C GLY F 80 -25.42 38.45 -6.31
N GLU F 81 -25.79 39.58 -6.93
CA GLU F 81 -25.77 39.80 -8.40
C GLU F 81 -24.35 40.17 -8.85
N GLY F 82 -23.93 39.67 -10.02
CA GLY F 82 -22.69 40.02 -10.74
C GLY F 82 -21.43 39.86 -9.90
N VAL F 83 -21.48 39.06 -8.84
CA VAL F 83 -20.34 38.89 -7.89
C VAL F 83 -19.31 37.95 -8.52
N LEU F 84 -19.74 37.03 -9.39
CA LEU F 84 -18.84 36.06 -10.08
C LEU F 84 -18.49 36.61 -11.47
N SER F 85 -17.29 36.30 -11.96
CA SER F 85 -16.78 36.78 -13.28
C SER F 85 -15.80 35.77 -13.86
N ILE F 86 -15.75 35.68 -15.19
CA ILE F 86 -14.69 34.95 -15.95
C ILE F 86 -14.17 35.90 -17.02
N TYR F 87 -12.85 36.02 -17.15
CA TYR F 87 -12.16 36.74 -18.23
C TYR F 87 -11.37 35.73 -19.07
N TYR F 88 -11.80 35.50 -20.30
CA TYR F 88 -11.19 34.52 -21.23
C TYR F 88 -11.09 35.17 -22.62
N LEU F 89 -9.87 35.20 -23.18
CA LEU F 89 -9.50 35.76 -24.51
C LEU F 89 -10.38 36.98 -24.81
N GLY F 90 -10.21 38.06 -24.04
CA GLY F 90 -10.84 39.38 -24.24
C GLY F 90 -12.35 39.33 -24.11
N ARG F 91 -12.89 38.30 -23.45
CA ARG F 91 -14.35 38.11 -23.20
C ARG F 91 -14.59 38.14 -21.68
N LYS F 92 -15.62 38.87 -21.24
CA LYS F 92 -16.03 38.96 -19.82
C LYS F 92 -17.43 38.36 -19.66
N PHE F 93 -17.57 37.36 -18.79
CA PHE F 93 -18.85 36.75 -18.38
C PHE F 93 -19.06 37.00 -16.88
N THR F 94 -20.24 37.48 -16.48
CA THR F 94 -20.60 37.73 -15.06
C THR F 94 -21.77 36.84 -14.67
N GLY F 95 -21.72 36.29 -13.45
CA GLY F 95 -22.77 35.42 -12.89
C GLY F 95 -23.19 35.90 -11.53
N ASP F 96 -24.36 35.46 -11.07
CA ASP F 96 -24.92 35.75 -9.73
C ASP F 96 -24.69 34.51 -8.84
N LEU F 97 -24.28 34.68 -7.60
CA LEU F 97 -24.11 33.55 -6.64
C LEU F 97 -25.37 33.46 -5.77
N GLN F 98 -26.04 32.31 -5.82
CA GLN F 98 -27.27 32.01 -5.04
C GLN F 98 -26.88 31.48 -3.66
N LEU F 99 -27.80 31.58 -2.71
CA LEU F 99 -27.67 31.07 -1.32
C LEU F 99 -27.47 29.55 -1.35
N ASP F 100 -27.96 28.87 -2.39
CA ASP F 100 -27.86 27.39 -2.53
C ASP F 100 -26.59 26.99 -3.29
N GLY F 101 -25.63 27.89 -3.47
CA GLY F 101 -24.31 27.59 -4.06
C GLY F 101 -24.35 27.36 -5.57
N ARG F 102 -25.51 27.53 -6.22
CA ARG F 102 -25.64 27.43 -7.69
C ARG F 102 -25.35 28.81 -8.30
N ILE F 103 -25.13 28.86 -9.62
CA ILE F 103 -24.67 30.08 -10.37
C ILE F 103 -25.66 30.37 -11.50
N VAL F 104 -25.97 31.66 -11.70
CA VAL F 104 -26.87 32.14 -12.79
C VAL F 104 -26.02 32.99 -13.74
N TRP F 105 -25.86 32.56 -15.00
CA TRP F 105 -25.17 33.35 -16.06
C TRP F 105 -26.09 34.49 -16.52
N GLN F 106 -25.67 35.75 -16.32
CA GLN F 106 -26.50 36.97 -16.52
C GLN F 106 -27.15 36.96 -17.91
N GLU F 107 -26.42 36.55 -18.94
CA GLU F 107 -26.81 36.70 -20.38
C GLU F 107 -28.10 35.90 -20.66
N THR F 108 -28.11 34.60 -20.38
CA THR F 108 -29.22 33.68 -20.72
C THR F 108 -30.19 33.56 -19.55
N GLY F 109 -29.72 33.77 -18.31
CA GLY F 109 -30.45 33.43 -17.07
C GLY F 109 -30.34 31.94 -16.76
N GLN F 110 -29.43 31.22 -17.45
CA GLN F 110 -29.20 29.77 -17.28
C GLN F 110 -28.55 29.54 -15.90
N VAL F 111 -28.96 28.47 -15.22
CA VAL F 111 -28.46 28.08 -13.87
C VAL F 111 -27.47 26.91 -14.03
N PHE F 112 -26.26 27.03 -13.44
CA PHE F 112 -25.20 25.99 -13.42
C PHE F 112 -24.98 25.52 -11.97
N ASN F 113 -24.54 24.27 -11.80
CA ASN F 113 -24.42 23.57 -10.49
C ASN F 113 -22.98 23.66 -9.94
N SER F 114 -22.02 24.20 -10.72
CA SER F 114 -20.58 24.30 -10.37
C SER F 114 -19.95 25.52 -11.03
N PRO F 115 -18.86 26.09 -10.46
CA PRO F 115 -18.01 27.04 -11.18
C PRO F 115 -17.39 26.45 -12.46
N SER F 116 -16.92 25.19 -12.39
CA SER F 116 -16.41 24.40 -13.53
C SER F 116 -17.41 24.45 -14.70
N ALA F 117 -18.62 23.93 -14.44
CA ALA F 117 -19.70 23.73 -15.42
C ALA F 117 -20.02 25.03 -16.15
N TRP F 118 -20.06 26.15 -15.43
CA TRP F 118 -20.30 27.51 -15.98
C TRP F 118 -19.07 27.97 -16.78
N ALA F 119 -17.87 27.78 -16.24
CA ALA F 119 -16.59 28.16 -16.88
C ALA F 119 -16.40 27.37 -18.19
N THR F 120 -16.49 26.03 -18.15
CA THR F 120 -16.33 25.15 -19.35
C THR F 120 -17.32 25.62 -20.44
N HIS F 121 -18.53 26.01 -20.05
CA HIS F 121 -19.62 26.42 -20.97
C HIS F 121 -19.28 27.77 -21.63
N CYS F 122 -18.89 28.77 -20.83
CA CYS F 122 -18.58 30.15 -21.32
C CYS F 122 -17.38 30.11 -22.27
N LYS F 123 -16.32 29.40 -21.88
CA LYS F 123 -15.05 29.30 -22.64
C LYS F 123 -15.30 28.54 -23.96
N LYS F 124 -16.29 27.65 -23.99
CA LYS F 124 -16.65 26.86 -25.21
C LYS F 124 -17.29 27.78 -26.26
N LEU F 125 -17.87 28.91 -25.85
CA LEU F 125 -18.55 29.88 -26.74
C LEU F 125 -17.52 30.80 -27.44
N VAL F 126 -16.33 30.98 -26.85
CA VAL F 126 -15.24 31.85 -27.38
C VAL F 126 -14.18 30.99 -28.09
N ASN F 127 -14.03 29.74 -27.69
CA ASN F 127 -13.02 28.79 -28.26
C ASN F 127 -13.63 27.39 -28.27
N PRO F 128 -14.20 26.93 -29.41
CA PRO F 128 -14.96 25.67 -29.43
C PRO F 128 -14.07 24.43 -29.17
N ALA F 129 -12.74 24.59 -29.26
CA ALA F 129 -11.73 23.56 -28.89
C ALA F 129 -11.23 23.82 -27.47
N LYS F 130 -12.17 23.98 -26.53
CA LYS F 130 -11.90 24.16 -25.08
C LYS F 130 -12.40 22.92 -24.32
N LYS F 131 -11.44 22.13 -23.81
CA LYS F 131 -11.70 20.83 -23.12
C LYS F 131 -12.05 21.08 -21.65
N SER F 132 -12.77 20.12 -21.05
CA SER F 132 -13.34 20.17 -19.68
C SER F 132 -12.26 19.98 -18.60
N GLY F 133 -12.45 20.61 -17.44
CA GLY F 133 -11.52 20.58 -16.30
C GLY F 133 -12.05 21.44 -15.16
N CYS F 134 -11.28 21.61 -14.08
CA CYS F 134 -11.66 22.41 -12.90
C CYS F 134 -11.61 23.90 -13.24
N GLY F 135 -12.74 24.59 -13.10
CA GLY F 135 -12.89 26.02 -13.46
C GLY F 135 -12.85 26.93 -12.24
N TRP F 136 -12.34 26.44 -11.11
CA TRP F 136 -12.10 27.28 -9.90
C TRP F 136 -10.93 28.24 -10.18
N ALA F 137 -10.01 27.86 -11.08
CA ALA F 137 -8.77 28.62 -11.38
C ALA F 137 -9.07 29.85 -12.24
N SER F 138 -10.18 29.83 -13.01
CA SER F 138 -10.55 30.86 -14.02
C SER F 138 -11.69 31.77 -13.53
N VAL F 139 -12.37 31.42 -12.43
CA VAL F 139 -13.53 32.19 -11.88
C VAL F 139 -13.04 33.11 -10.76
N LYS F 140 -13.44 34.38 -10.78
CA LYS F 140 -13.15 35.38 -9.72
C LYS F 140 -14.44 35.68 -8.95
N TYR F 141 -14.35 35.87 -7.63
CA TYR F 141 -15.42 36.43 -6.76
C TYR F 141 -15.00 37.83 -6.33
N LYS F 142 -15.73 38.86 -6.80
CA LYS F 142 -15.42 40.28 -6.54
C LYS F 142 -13.94 40.56 -6.85
N GLY F 143 -13.46 40.08 -8.00
CA GLY F 143 -12.14 40.43 -8.54
C GLY F 143 -11.00 39.59 -7.99
N GLN F 144 -11.27 38.63 -7.10
CA GLN F 144 -10.24 37.71 -6.54
C GLN F 144 -10.59 36.26 -6.90
N LYS F 145 -9.57 35.41 -7.02
CA LYS F 145 -9.67 34.03 -7.54
C LYS F 145 -10.37 33.14 -6.51
N LEU F 146 -11.41 32.41 -6.93
CA LEU F 146 -12.14 31.41 -6.10
C LEU F 146 -11.15 30.52 -5.34
N ASP F 147 -10.10 30.05 -6.04
CA ASP F 147 -9.12 29.08 -5.51
C ASP F 147 -8.44 29.65 -4.26
N LYS F 148 -8.43 30.98 -4.09
CA LYS F 148 -7.85 31.65 -2.89
C LYS F 148 -8.79 31.43 -1.69
N TYR F 149 -10.11 31.46 -1.94
CA TYR F 149 -11.15 31.19 -0.92
C TYR F 149 -11.08 29.73 -0.51
N LYS F 150 -10.84 28.83 -1.46
CA LYS F 150 -10.56 27.40 -1.19
C LYS F 150 -9.35 27.31 -0.24
N ALA F 151 -8.23 27.97 -0.61
CA ALA F 151 -6.97 27.92 0.16
C ALA F 151 -7.18 28.50 1.57
N ALA F 152 -7.88 29.63 1.65
CA ALA F 152 -8.24 30.31 2.91
C ALA F 152 -9.02 29.33 3.81
N TRP F 153 -9.98 28.59 3.24
CA TRP F 153 -10.82 27.61 4.00
C TRP F 153 -9.93 26.46 4.49
N LEU F 154 -9.07 25.94 3.62
CA LEU F 154 -8.23 24.74 3.94
C LEU F 154 -7.33 25.07 5.14
N ARG F 155 -6.68 26.23 5.14
CA ARG F 155 -5.86 26.73 6.29
C ARG F 155 -6.78 26.85 7.52
N ARG F 156 -7.84 27.65 7.40
CA ARG F 156 -8.85 27.91 8.47
C ARG F 156 -9.24 26.61 9.18
N HIS F 157 -9.25 25.47 8.50
CA HIS F 157 -9.76 24.17 9.00
C HIS F 157 -8.74 23.05 8.72
N GLN F 158 -7.56 23.14 9.32
CA GLN F 158 -6.40 22.23 9.07
C GLN F 158 -6.75 20.82 9.56
#